data_5N15
#
_entry.id   5N15
#
_cell.length_a   50.626
_cell.length_b   67.568
_cell.length_c   188.542
_cell.angle_alpha   90.00
_cell.angle_beta   90.00
_cell.angle_gamma   90.00
#
_symmetry.space_group_name_H-M   'P 21 21 21'
#
loop_
_entity.id
_entity.type
_entity.pdbx_description
1 polymer 'Bromodomain-containing factor 1'
2 non-polymer 'IODIDE ION'
3 non-polymer '4-(2-HYDROXYETHYL)-1-PIPERAZINE ETHANESULFONIC ACID'
4 non-polymer GLYCEROL
5 water water
#
_entity_poly.entity_id   1
_entity_poly.type   'polypeptide(L)'
_entity_poly.pdbx_seq_one_letter_code
;AAGAPKPPQEPDMNNLPENPIPQHQAKFVLNTIKAVKRNREAVPFLHPVDTVKLNVPFYYNYIPRPMDLSTIERKINLKA
YEDVSQVVDDFNLMVKNCKKFNGEAAGISKMATNIQAQFEKLMVKVPPKELPAGTNVA
;
_entity_poly.pdbx_strand_id   A,B,C,D
#
loop_
_chem_comp.id
_chem_comp.type
_chem_comp.name
_chem_comp.formula
EPE non-polymer '4-(2-HYDROXYETHYL)-1-PIPERAZINE ETHANESULFONIC ACID' 'C8 H18 N2 O4 S'
GOL non-polymer GLYCEROL 'C3 H8 O3'
IOD non-polymer 'IODIDE ION' 'I -1'
#
# COMPACT_ATOMS: atom_id res chain seq x y z
N ALA A 2 -19.20 -3.49 32.17
CA ALA A 2 -19.14 -2.06 32.43
C ALA A 2 -20.49 -1.39 32.49
N GLY A 3 -20.62 -0.25 31.82
CA GLY A 3 -19.53 0.32 31.06
C GLY A 3 -19.81 0.35 29.57
N ALA A 4 -20.21 1.53 29.07
CA ALA A 4 -20.57 1.64 27.67
C ALA A 4 -19.34 1.39 26.79
N PRO A 5 -19.50 0.66 25.70
CA PRO A 5 -18.34 0.37 24.84
C PRO A 5 -17.92 1.59 24.04
N LYS A 6 -16.69 1.53 23.53
CA LYS A 6 -16.16 2.61 22.72
C LYS A 6 -16.88 2.67 21.37
N PRO A 7 -17.41 3.82 20.98
CA PRO A 7 -18.12 3.90 19.70
C PRO A 7 -17.17 3.68 18.53
N PRO A 8 -17.68 3.32 17.36
CA PRO A 8 -16.80 3.10 16.22
C PRO A 8 -16.11 4.38 15.76
N GLN A 9 -14.94 4.20 15.15
CA GLN A 9 -14.10 5.32 14.75
C GLN A 9 -14.80 6.21 13.73
N GLU A 10 -14.47 7.49 13.77
CA GLU A 10 -14.82 8.42 12.70
C GLU A 10 -13.65 8.49 11.71
N PRO A 11 -13.95 8.69 10.42
CA PRO A 11 -15.29 8.87 9.87
C PRO A 11 -15.91 7.58 9.33
N ASP A 12 -17.18 7.68 8.93
CA ASP A 12 -17.87 6.59 8.24
C ASP A 12 -17.51 6.68 6.77
N MET A 13 -16.63 5.79 6.31
CA MET A 13 -16.14 5.80 4.93
C MET A 13 -17.21 5.43 3.90
N ASN A 14 -18.47 5.33 4.29
CA ASN A 14 -19.59 5.18 3.36
C ASN A 14 -20.36 6.47 3.16
N ASN A 15 -20.09 7.50 3.97
CA ASN A 15 -20.75 8.79 3.87
C ASN A 15 -19.74 9.91 3.61
N LEU A 16 -18.63 9.58 2.95
CA LEU A 16 -17.64 10.60 2.63
C LEU A 16 -18.28 11.68 1.76
N PRO A 17 -18.02 12.96 2.06
CA PRO A 17 -18.72 14.03 1.34
C PRO A 17 -18.31 14.08 -0.13
N GLU A 18 -19.27 14.47 -0.97
CA GLU A 18 -19.01 14.59 -2.40
C GLU A 18 -18.10 15.77 -2.71
N ASN A 19 -18.30 16.89 -2.00
CA ASN A 19 -17.48 18.09 -2.20
C ASN A 19 -16.68 18.37 -0.94
N PRO A 20 -15.49 17.80 -0.79
CA PRO A 20 -14.67 18.09 0.38
C PRO A 20 -14.03 19.47 0.28
N ILE A 21 -13.32 19.84 1.35
CA ILE A 21 -12.65 21.13 1.40
C ILE A 21 -11.56 21.16 0.32
N PRO A 22 -11.28 22.31 -0.28
CA PRO A 22 -10.22 22.36 -1.28
C PRO A 22 -8.87 22.04 -0.67
N GLN A 23 -7.98 21.50 -1.52
CA GLN A 23 -6.73 20.94 -1.02
C GLN A 23 -5.88 22.00 -0.31
N HIS A 24 -5.86 23.22 -0.83
CA HIS A 24 -5.08 24.27 -0.18
C HIS A 24 -5.61 24.57 1.22
N GLN A 25 -6.91 24.41 1.44
CA GLN A 25 -7.46 24.50 2.79
C GLN A 25 -7.18 23.23 3.59
N ALA A 26 -7.23 22.07 2.93
CA ALA A 26 -6.93 20.82 3.62
C ALA A 26 -5.47 20.75 4.03
N LYS A 27 -4.57 21.31 3.22
CA LYS A 27 -3.15 21.32 3.60
C LYS A 27 -2.92 22.21 4.81
N PHE A 28 -3.64 23.31 4.92
CA PHE A 28 -3.45 24.24 6.03
C PHE A 28 -3.92 23.61 7.34
N VAL A 29 -5.16 23.13 7.39
CA VAL A 29 -5.70 22.56 8.62
C VAL A 29 -4.91 21.33 9.04
N LEU A 30 -4.31 20.63 8.08
CA LEU A 30 -3.49 19.47 8.42
C LEU A 30 -2.19 19.89 9.10
N ASN A 31 -1.49 20.87 8.50
CA ASN A 31 -0.29 21.40 9.15
C ASN A 31 -0.62 22.06 10.48
N THR A 32 -1.81 22.65 10.60
CA THR A 32 -2.22 23.23 11.88
C THR A 32 -2.40 22.15 12.94
N ILE A 33 -3.13 21.08 12.61
CA ILE A 33 -3.29 19.98 13.56
C ILE A 33 -1.95 19.33 13.86
N LYS A 34 -1.07 19.27 12.87
CA LYS A 34 0.27 18.72 13.10
C LYS A 34 1.07 19.59 14.05
N ALA A 35 0.91 20.91 13.96
CA ALA A 35 1.60 21.81 14.87
C ALA A 35 1.09 21.66 16.29
N VAL A 36 -0.22 21.49 16.46
CA VAL A 36 -0.79 21.31 17.80
C VAL A 36 -0.31 19.99 18.40
N LYS A 37 -0.18 18.94 17.57
CA LYS A 37 0.28 17.65 18.07
C LYS A 37 1.70 17.69 18.60
N ARG A 38 2.49 18.70 18.20
CA ARG A 38 3.83 18.85 18.75
C ARG A 38 3.83 19.47 20.13
N ASN A 39 2.73 20.09 20.54
CA ASN A 39 2.67 20.73 21.85
C ASN A 39 2.69 19.66 22.96
N ARG A 40 3.52 19.90 23.98
CA ARG A 40 3.56 19.00 25.12
C ARG A 40 2.21 18.89 25.79
N GLU A 41 1.40 19.95 25.75
CA GLU A 41 0.08 19.94 26.37
C GLU A 41 -0.93 19.08 25.64
N ALA A 42 -0.60 18.56 24.46
CA ALA A 42 -1.55 17.82 23.63
C ALA A 42 -1.47 16.31 23.83
N VAL A 43 -0.45 15.83 24.54
CA VAL A 43 -0.19 14.39 24.72
C VAL A 43 -1.45 13.62 25.12
N PRO A 44 -2.25 14.07 26.09
CA PRO A 44 -3.47 13.31 26.45
C PRO A 44 -4.52 13.30 25.35
N PHE A 45 -4.42 14.19 24.35
CA PHE A 45 -5.44 14.31 23.31
C PHE A 45 -4.98 13.78 21.96
N LEU A 46 -3.81 13.14 21.90
CA LEU A 46 -3.31 12.63 20.63
C LEU A 46 -4.13 11.45 20.13
N HIS A 47 -4.57 10.59 21.05
CA HIS A 47 -5.26 9.35 20.73
C HIS A 47 -6.47 9.20 21.63
N PRO A 48 -7.39 8.29 21.30
CA PRO A 48 -8.55 8.06 22.17
C PRO A 48 -8.14 7.72 23.59
N VAL A 49 -9.05 7.99 24.53
CA VAL A 49 -8.75 7.85 25.95
C VAL A 49 -8.47 6.40 26.28
N ASP A 50 -7.40 6.16 27.04
CA ASP A 50 -7.09 4.84 27.57
C ASP A 50 -7.93 4.64 28.82
N THR A 51 -9.12 4.08 28.65
CA THR A 51 -10.06 3.92 29.76
C THR A 51 -9.54 2.97 30.83
N VAL A 52 -8.61 2.09 30.49
CA VAL A 52 -8.08 1.14 31.48
C VAL A 52 -6.98 1.80 32.30
N LYS A 53 -6.07 2.52 31.64
CA LYS A 53 -4.98 3.18 32.33
C LYS A 53 -5.49 4.30 33.24
N LEU A 54 -6.50 5.03 32.78
CA LEU A 54 -7.07 6.12 33.57
C LEU A 54 -8.18 5.66 34.50
N ASN A 55 -8.61 4.39 34.42
CA ASN A 55 -9.64 3.83 35.28
C ASN A 55 -10.93 4.64 35.21
N VAL A 56 -11.47 4.74 33.99
CA VAL A 56 -12.72 5.45 33.76
C VAL A 56 -13.67 4.52 33.01
N PRO A 57 -14.26 3.53 33.68
CA PRO A 57 -15.04 2.51 32.96
C PRO A 57 -16.29 3.07 32.29
N PHE A 58 -16.88 4.13 32.84
CA PHE A 58 -18.09 4.71 32.29
C PHE A 58 -17.81 5.98 31.49
N TYR A 59 -16.60 6.12 30.95
CA TYR A 59 -16.23 7.33 30.23
C TYR A 59 -17.14 7.55 29.03
N TYR A 60 -17.39 6.49 28.25
CA TYR A 60 -18.23 6.62 27.08
C TYR A 60 -19.71 6.70 27.41
N ASN A 61 -20.08 6.59 28.69
CA ASN A 61 -21.44 6.90 29.10
C ASN A 61 -21.65 8.41 29.22
N TYR A 62 -20.63 9.12 29.73
CA TYR A 62 -20.70 10.58 29.79
C TYR A 62 -20.37 11.23 28.46
N ILE A 63 -19.47 10.62 27.70
CA ILE A 63 -19.04 11.18 26.41
C ILE A 63 -19.49 10.24 25.29
N PRO A 64 -20.72 10.40 24.78
CA PRO A 64 -21.19 9.49 23.72
C PRO A 64 -20.48 9.70 22.39
N ARG A 65 -19.91 10.88 22.13
CA ARG A 65 -19.18 11.15 20.89
C ARG A 65 -17.79 11.65 21.24
N PRO A 66 -16.80 10.77 21.38
CA PRO A 66 -15.45 11.21 21.70
C PRO A 66 -14.77 11.85 20.49
N MET A 67 -13.61 12.45 20.76
CA MET A 67 -12.85 13.14 19.72
C MET A 67 -11.40 13.27 20.16
N ASP A 68 -10.49 13.21 19.20
CA ASP A 68 -9.07 13.32 19.47
C ASP A 68 -8.37 13.89 18.25
N LEU A 69 -7.11 14.31 18.44
CA LEU A 69 -6.39 14.97 17.36
C LEU A 69 -6.13 14.03 16.19
N SER A 70 -5.90 12.74 16.48
CA SER A 70 -5.66 11.79 15.40
C SER A 70 -6.91 11.56 14.56
N THR A 71 -8.08 11.48 15.22
CA THR A 71 -9.33 11.36 14.48
C THR A 71 -9.53 12.55 13.55
N ILE A 72 -9.31 13.76 14.06
CA ILE A 72 -9.39 14.96 13.23
C ILE A 72 -8.40 14.85 12.07
N GLU A 73 -7.20 14.34 12.34
CA GLU A 73 -6.20 14.18 11.29
C GLU A 73 -6.66 13.16 10.25
N ARG A 74 -7.18 12.02 10.71
CA ARG A 74 -7.65 10.99 9.80
C ARG A 74 -8.80 11.49 8.93
N LYS A 75 -9.73 12.22 9.54
CA LYS A 75 -10.88 12.73 8.79
C LYS A 75 -10.45 13.71 7.70
N ILE A 76 -9.36 14.45 7.93
CA ILE A 76 -8.82 15.31 6.89
C ILE A 76 -8.18 14.47 5.78
N ASN A 77 -7.40 13.45 6.17
CA ASN A 77 -6.74 12.62 5.17
C ASN A 77 -7.74 11.82 4.33
N LEU A 78 -8.87 11.45 4.92
CA LEU A 78 -9.91 10.72 4.20
C LEU A 78 -10.92 11.64 3.53
N LYS A 79 -10.69 12.96 3.57
CA LYS A 79 -11.57 13.95 2.94
C LYS A 79 -13.00 13.81 3.47
N ALA A 80 -13.13 13.77 4.80
CA ALA A 80 -14.43 13.62 5.45
C ALA A 80 -15.08 14.96 5.76
N TYR A 81 -14.34 16.07 5.69
CA TYR A 81 -14.86 17.38 6.02
C TYR A 81 -15.34 18.11 4.77
N GLU A 82 -16.45 18.83 4.91
CA GLU A 82 -16.97 19.69 3.85
C GLU A 82 -16.52 21.13 4.00
N ASP A 83 -16.43 21.61 5.25
CA ASP A 83 -16.01 22.98 5.52
C ASP A 83 -15.01 22.97 6.67
N VAL A 84 -14.11 23.94 6.66
CA VAL A 84 -13.12 24.06 7.72
C VAL A 84 -13.77 24.31 9.06
N SER A 85 -15.00 24.85 9.08
CA SER A 85 -15.70 25.06 10.33
C SER A 85 -15.99 23.74 11.04
N GLN A 86 -16.15 22.67 10.27
CA GLN A 86 -16.34 21.35 10.88
C GLN A 86 -15.08 20.89 11.60
N VAL A 87 -13.91 21.25 11.09
CA VAL A 87 -12.66 20.96 11.80
C VAL A 87 -12.62 21.72 13.11
N VAL A 88 -13.02 23.00 13.08
CA VAL A 88 -13.10 23.79 14.31
C VAL A 88 -14.09 23.17 15.28
N ASP A 89 -15.24 22.73 14.78
CA ASP A 89 -16.26 22.15 15.64
C ASP A 89 -15.75 20.87 16.30
N ASP A 90 -15.01 20.05 15.56
CA ASP A 90 -14.47 18.82 16.13
C ASP A 90 -13.44 19.11 17.21
N PHE A 91 -12.54 20.06 16.97
CA PHE A 91 -11.61 20.48 18.00
C PHE A 91 -12.35 21.00 19.22
N ASN A 92 -13.41 21.79 19.00
CA ASN A 92 -14.21 22.28 20.12
C ASN A 92 -14.86 21.15 20.89
N LEU A 93 -15.40 20.15 20.17
CA LEU A 93 -16.01 19.00 20.83
C LEU A 93 -14.99 18.28 21.69
N MET A 94 -13.76 18.13 21.20
CA MET A 94 -12.70 17.50 21.98
C MET A 94 -12.46 18.24 23.29
N VAL A 95 -12.31 19.56 23.21
CA VAL A 95 -12.13 20.36 24.42
C VAL A 95 -13.36 20.27 25.31
N LYS A 96 -14.55 20.24 24.70
CA LYS A 96 -15.78 20.21 25.48
C LYS A 96 -15.91 18.91 26.26
N ASN A 97 -15.59 17.78 25.61
CA ASN A 97 -15.66 16.49 26.30
C ASN A 97 -14.75 16.47 27.52
N CYS A 98 -13.54 17.02 27.39
CA CYS A 98 -12.59 16.99 28.50
C CYS A 98 -13.08 17.84 29.66
N LYS A 99 -13.56 19.05 29.38
CA LYS A 99 -14.05 19.92 30.45
C LYS A 99 -15.32 19.35 31.08
N LYS A 100 -16.20 18.76 30.27
CA LYS A 100 -17.42 18.16 30.80
C LYS A 100 -17.09 17.01 31.75
N PHE A 101 -16.19 16.12 31.33
CA PHE A 101 -15.89 14.94 32.14
C PHE A 101 -15.03 15.30 33.35
N ASN A 102 -13.97 16.08 33.14
CA ASN A 102 -12.99 16.31 34.19
C ASN A 102 -13.32 17.54 35.03
N GLY A 103 -13.71 18.64 34.40
CA GLY A 103 -14.05 19.85 35.13
C GLY A 103 -12.96 20.91 35.03
N GLU A 104 -13.37 22.16 35.22
CA GLU A 104 -12.43 23.28 35.14
C GLU A 104 -11.33 23.20 36.18
N ALA A 105 -11.54 22.46 37.28
CA ALA A 105 -10.52 22.30 38.31
C ALA A 105 -9.39 21.38 37.88
N ALA A 106 -9.64 20.45 36.96
CA ALA A 106 -8.64 19.48 36.56
C ALA A 106 -7.58 20.12 35.68
N GLY A 107 -6.31 19.80 35.95
CA GLY A 107 -5.23 20.30 35.12
C GLY A 107 -5.28 19.83 33.69
N ILE A 108 -5.94 18.70 33.43
CA ILE A 108 -6.08 18.22 32.05
C ILE A 108 -7.01 19.13 31.27
N SER A 109 -7.97 19.76 31.95
CA SER A 109 -8.80 20.75 31.28
C SER A 109 -8.00 21.99 30.90
N LYS A 110 -7.00 22.35 31.71
CA LYS A 110 -6.13 23.46 31.36
C LYS A 110 -5.23 23.14 30.17
N MET A 111 -4.82 21.87 30.04
CA MET A 111 -4.06 21.47 28.85
C MET A 111 -4.92 21.58 27.60
N ALA A 112 -6.19 21.18 27.69
CA ALA A 112 -7.09 21.35 26.55
C ALA A 112 -7.30 22.82 26.22
N THR A 113 -7.51 23.66 27.25
CA THR A 113 -7.63 25.09 27.02
C THR A 113 -6.37 25.65 26.37
N ASN A 114 -5.20 25.16 26.79
CA ASN A 114 -3.94 25.67 26.25
C ASN A 114 -3.78 25.32 24.78
N ILE A 115 -4.10 24.08 24.40
CA ILE A 115 -3.95 23.72 22.99
C ILE A 115 -5.07 24.34 22.15
N GLN A 116 -6.25 24.58 22.74
CA GLN A 116 -7.30 25.25 22.01
C GLN A 116 -6.92 26.68 21.67
N ALA A 117 -6.25 27.36 22.61
CA ALA A 117 -5.74 28.70 22.32
C ALA A 117 -4.69 28.67 21.22
N GLN A 118 -3.80 27.67 21.26
CA GLN A 118 -2.82 27.53 20.19
C GLN A 118 -3.50 27.24 18.85
N PHE A 119 -4.51 26.37 18.86
CA PHE A 119 -5.26 26.08 17.63
C PHE A 119 -5.93 27.33 17.09
N GLU A 120 -6.49 28.16 17.97
CA GLU A 120 -7.21 29.35 17.53
C GLU A 120 -6.25 30.39 16.97
N LYS A 121 -5.05 30.51 17.56
CA LYS A 121 -4.06 31.44 17.03
C LYS A 121 -3.67 31.07 15.60
N LEU A 122 -3.53 29.78 15.32
CA LEU A 122 -3.14 29.34 13.98
C LEU A 122 -4.28 29.50 12.99
N MET A 123 -5.50 29.11 13.38
CA MET A 123 -6.64 29.21 12.48
C MET A 123 -6.97 30.64 12.08
N VAL A 124 -6.28 31.63 12.66
CA VAL A 124 -6.49 33.01 12.25
C VAL A 124 -6.10 33.20 10.79
N LYS A 125 -5.02 32.55 10.36
CA LYS A 125 -4.48 32.69 9.02
C LYS A 125 -4.99 31.63 8.06
N VAL A 126 -6.23 31.18 8.21
CA VAL A 126 -6.75 30.14 7.32
C VAL A 126 -7.14 30.78 5.99
N PRO A 127 -6.72 30.20 4.87
CA PRO A 127 -7.05 30.78 3.57
C PRO A 127 -8.53 30.61 3.25
N PRO A 128 -9.09 31.46 2.38
CA PRO A 128 -10.50 31.33 2.03
C PRO A 128 -10.77 30.05 1.25
N LYS A 129 -12.06 29.70 1.15
CA LYS A 129 -12.46 28.49 0.45
C LYS A 129 -12.18 28.56 -1.04
N GLU A 130 -12.08 29.76 -1.61
CA GLU A 130 -11.72 29.90 -3.01
C GLU A 130 -10.27 29.44 -3.23
N LEU A 131 -9.90 29.32 -4.50
CA LEU A 131 -8.61 28.76 -4.85
C LEU A 131 -7.48 29.79 -4.70
N PRO A 132 -7.54 30.88 -5.46
CA PRO A 132 -6.49 31.87 -5.40
C PRO A 132 -6.61 32.92 -6.50
N ALA A 133 -5.50 33.21 -7.16
CA ALA A 133 -5.48 34.20 -8.21
C ALA A 133 -5.51 33.61 -9.61
N GLY A 134 -4.49 32.83 -9.95
CA GLY A 134 -4.41 32.25 -11.28
C GLY A 134 -4.36 30.74 -11.29
N THR A 135 -4.78 30.10 -10.19
CA THR A 135 -4.86 28.65 -10.15
C THR A 135 -5.84 28.15 -11.20
N ASN A 136 -5.35 27.29 -12.09
CA ASN A 136 -6.09 26.89 -13.27
C ASN A 136 -6.97 25.67 -12.99
N VAL A 137 -8.10 25.60 -13.69
CA VAL A 137 -9.04 24.49 -13.60
C VAL A 137 -9.15 23.85 -14.97
N ALA A 138 -8.87 22.55 -15.04
CA ALA A 138 -8.90 21.83 -16.30
C ALA A 138 -10.27 21.82 -16.97
N ALA B 2 -2.17 -5.22 30.74
CA ALA B 2 -1.24 -5.48 29.66
C ALA B 2 0.11 -5.96 30.15
N GLY B 3 0.90 -6.53 29.24
CA GLY B 3 0.49 -6.69 27.85
C GLY B 3 1.09 -5.65 26.93
N ALA B 4 1.39 -6.05 25.70
CA ALA B 4 2.00 -5.14 24.75
C ALA B 4 1.00 -4.06 24.32
N PRO B 5 1.45 -2.82 24.15
CA PRO B 5 0.53 -1.75 23.77
C PRO B 5 0.05 -1.89 22.33
N LYS B 6 -1.01 -1.14 22.02
CA LYS B 6 -1.61 -1.24 20.71
C LYS B 6 -0.72 -0.58 19.66
N PRO B 7 -0.43 -1.25 18.54
CA PRO B 7 0.46 -0.66 17.53
C PRO B 7 -0.22 0.50 16.84
N PRO B 8 0.55 1.33 16.13
CA PRO B 8 -0.07 2.44 15.38
C PRO B 8 -0.99 1.93 14.29
N GLN B 9 -1.92 2.80 13.89
CA GLN B 9 -2.87 2.45 12.85
C GLN B 9 -2.22 2.55 11.47
N GLU B 10 -2.60 1.64 10.59
CA GLU B 10 -2.16 1.70 9.20
C GLU B 10 -3.16 2.53 8.39
N PRO B 11 -2.68 3.24 7.36
CA PRO B 11 -1.29 3.26 6.89
C PRO B 11 -0.46 4.40 7.48
N ASP B 12 0.85 4.32 7.25
CA ASP B 12 1.75 5.43 7.58
C ASP B 12 1.73 6.42 6.43
N MET B 13 1.14 7.59 6.66
CA MET B 13 1.01 8.61 5.62
C MET B 13 2.35 9.14 5.14
N ASN B 14 3.44 8.85 5.85
CA ASN B 14 4.78 9.30 5.45
C ASN B 14 5.52 8.27 4.61
N ASN B 15 4.90 7.12 4.33
CA ASN B 15 5.51 6.06 3.55
C ASN B 15 4.53 5.55 2.50
N LEU B 16 3.82 6.47 1.86
CA LEU B 16 2.85 6.08 0.83
C LEU B 16 3.57 5.82 -0.50
N PRO B 17 3.12 4.83 -1.26
CA PRO B 17 3.80 4.52 -2.52
C PRO B 17 3.59 5.60 -3.56
N GLU B 18 4.64 5.84 -4.37
CA GLU B 18 4.56 6.88 -5.39
C GLU B 18 3.58 6.50 -6.50
N ASN B 19 3.50 5.21 -6.82
CA ASN B 19 2.62 4.69 -7.88
C ASN B 19 1.62 3.74 -7.25
N PRO B 20 0.53 4.25 -6.68
CA PRO B 20 -0.51 3.37 -6.17
C PRO B 20 -1.27 2.70 -7.30
N ILE B 21 -2.10 1.74 -6.93
CA ILE B 21 -2.86 0.95 -7.90
C ILE B 21 -3.73 1.90 -8.71
N PRO B 22 -3.94 1.63 -9.99
CA PRO B 22 -4.77 2.52 -10.80
C PRO B 22 -6.21 2.53 -10.32
N GLN B 23 -6.95 3.56 -10.78
CA GLN B 23 -8.30 3.79 -10.29
C GLN B 23 -9.23 2.63 -10.58
N HIS B 24 -9.13 2.04 -11.78
CA HIS B 24 -10.00 0.93 -12.12
C HIS B 24 -9.75 -0.29 -11.23
N GLN B 25 -8.51 -0.45 -10.76
CA GLN B 25 -8.22 -1.51 -9.79
C GLN B 25 -8.59 -1.10 -8.38
N ALA B 26 -8.43 0.19 -8.04
CA ALA B 26 -8.77 0.65 -6.69
C ALA B 26 -10.27 0.53 -6.43
N LYS B 27 -11.09 0.86 -7.43
CA LYS B 27 -12.53 0.74 -7.27
C LYS B 27 -12.95 -0.71 -7.13
N PHE B 28 -12.28 -1.62 -7.84
CA PHE B 28 -12.65 -3.03 -7.78
C PHE B 28 -12.41 -3.61 -6.39
N VAL B 29 -11.21 -3.40 -5.84
CA VAL B 29 -10.92 -3.94 -4.51
C VAL B 29 -11.77 -3.27 -3.45
N LEU B 30 -12.14 -2.01 -3.66
CA LEU B 30 -13.00 -1.33 -2.70
C LEU B 30 -14.39 -1.94 -2.67
N ASN B 31 -15.01 -2.13 -3.85
CA ASN B 31 -16.32 -2.77 -3.91
C ASN B 31 -16.26 -4.21 -3.42
N THR B 32 -15.16 -4.91 -3.68
CA THR B 32 -14.99 -6.26 -3.17
C THR B 32 -15.04 -6.28 -1.65
N ILE B 33 -14.25 -5.41 -1.00
CA ILE B 33 -14.26 -5.33 0.45
C ILE B 33 -15.65 -4.95 0.96
N LYS B 34 -16.34 -4.06 0.23
CA LYS B 34 -17.67 -3.65 0.67
C LYS B 34 -18.65 -4.80 0.61
N ALA B 35 -18.53 -5.66 -0.41
CA ALA B 35 -19.38 -6.85 -0.49
C ALA B 35 -19.11 -7.80 0.66
N VAL B 36 -17.82 -8.05 0.94
CA VAL B 36 -17.45 -8.87 2.09
C VAL B 36 -18.02 -8.29 3.37
N LYS B 37 -18.04 -6.95 3.47
CA LYS B 37 -18.55 -6.31 4.68
C LYS B 37 -20.05 -6.51 4.87
N ARG B 38 -20.78 -6.85 3.80
CA ARG B 38 -22.20 -7.15 3.94
C ARG B 38 -22.44 -8.57 4.45
N ASN B 39 -21.45 -9.45 4.36
CA ASN B 39 -21.61 -10.81 4.85
C ASN B 39 -21.69 -10.81 6.37
N ARG B 40 -22.68 -11.55 6.90
CA ARG B 40 -22.84 -11.61 8.35
C ARG B 40 -21.66 -12.29 9.02
N GLU B 41 -20.94 -13.14 8.29
CA GLU B 41 -19.74 -13.79 8.83
C GLU B 41 -18.59 -12.81 9.02
N ALA B 42 -18.69 -11.60 8.50
CA ALA B 42 -17.65 -10.59 8.62
C ALA B 42 -17.87 -9.63 9.78
N VAL B 43 -18.93 -9.83 10.57
CA VAL B 43 -19.25 -8.87 11.64
C VAL B 43 -18.10 -8.69 12.63
N PRO B 44 -17.48 -9.75 13.17
CA PRO B 44 -16.35 -9.54 14.09
C PRO B 44 -15.08 -9.00 13.43
N PHE B 45 -15.08 -8.83 12.11
CA PHE B 45 -13.91 -8.33 11.39
C PHE B 45 -14.15 -6.95 10.77
N LEU B 46 -15.28 -6.31 11.07
CA LEU B 46 -15.55 -5.00 10.50
C LEU B 46 -14.65 -3.93 11.11
N HIS B 47 -14.20 -4.10 12.33
CA HIS B 47 -13.43 -3.11 13.06
C HIS B 47 -12.28 -3.81 13.77
N PRO B 48 -11.25 -3.05 14.18
CA PRO B 48 -10.14 -3.67 14.91
C PRO B 48 -10.64 -4.40 16.16
N VAL B 49 -9.87 -5.40 16.57
CA VAL B 49 -10.24 -6.19 17.74
C VAL B 49 -10.32 -5.29 18.96
N ASP B 50 -11.42 -5.40 19.71
CA ASP B 50 -11.61 -4.60 20.92
C ASP B 50 -10.99 -5.38 22.07
N THR B 51 -9.72 -5.12 22.34
CA THR B 51 -9.00 -5.80 23.42
C THR B 51 -9.67 -5.60 24.77
N VAL B 52 -10.26 -4.42 25.00
CA VAL B 52 -10.87 -4.13 26.29
C VAL B 52 -12.18 -4.90 26.45
N LYS B 53 -13.07 -4.76 25.47
CA LYS B 53 -14.39 -5.39 25.56
C LYS B 53 -14.29 -6.91 25.60
N LEU B 54 -13.28 -7.49 24.94
CA LEU B 54 -13.12 -8.93 24.89
C LEU B 54 -12.21 -9.48 25.99
N ASN B 55 -11.56 -8.61 26.76
CA ASN B 55 -10.69 -9.01 27.87
C ASN B 55 -9.57 -9.94 27.39
N VAL B 56 -8.77 -9.44 26.45
CA VAL B 56 -7.65 -10.18 25.91
C VAL B 56 -6.38 -9.34 26.05
N PRO B 57 -5.92 -9.07 27.27
CA PRO B 57 -4.87 -8.06 27.45
C PRO B 57 -3.57 -8.37 26.74
N PHE B 58 -3.27 -9.65 26.47
CA PHE B 58 -2.04 -10.04 25.80
C PHE B 58 -2.24 -10.30 24.31
N TYR B 59 -3.26 -9.69 23.71
CA TYR B 59 -3.55 -9.95 22.30
C TYR B 59 -2.39 -9.51 21.41
N TYR B 60 -1.92 -8.27 21.58
CA TYR B 60 -0.85 -7.75 20.73
C TYR B 60 0.49 -8.42 21.00
N ASN B 61 0.63 -9.15 22.11
CA ASN B 61 1.83 -9.95 22.33
C ASN B 61 1.88 -11.14 21.37
N TYR B 62 0.72 -11.64 20.94
CA TYR B 62 0.65 -12.66 19.90
C TYR B 62 0.40 -12.07 18.52
N ILE B 63 -0.34 -10.96 18.44
CA ILE B 63 -0.70 -10.33 17.18
C ILE B 63 -0.05 -8.96 17.12
N PRO B 64 1.24 -8.86 16.76
CA PRO B 64 1.87 -7.53 16.72
C PRO B 64 1.39 -6.67 15.57
N ARG B 65 0.79 -7.24 14.53
CA ARG B 65 0.28 -6.48 13.40
C ARG B 65 -1.19 -6.86 13.17
N PRO B 66 -2.12 -6.21 13.86
CA PRO B 66 -3.53 -6.50 13.66
C PRO B 66 -4.01 -6.01 12.30
N MET B 67 -5.14 -6.56 11.87
CA MET B 67 -5.73 -6.20 10.58
C MET B 67 -7.24 -6.40 10.65
N ASP B 68 -7.96 -5.54 9.93
CA ASP B 68 -9.41 -5.61 9.88
C ASP B 68 -9.89 -5.04 8.56
N LEU B 69 -11.16 -5.31 8.24
CA LEU B 69 -11.71 -4.92 6.95
C LEU B 69 -11.72 -3.40 6.79
N SER B 70 -11.97 -2.67 7.88
CA SER B 70 -11.97 -1.22 7.79
C SER B 70 -10.58 -0.66 7.51
N THR B 71 -9.55 -1.28 8.10
CA THR B 71 -8.18 -0.86 7.82
C THR B 71 -7.85 -1.03 6.34
N ILE B 72 -8.21 -2.18 5.77
CA ILE B 72 -8.01 -2.40 4.34
C ILE B 72 -8.75 -1.35 3.54
N GLU B 73 -10.00 -1.08 3.91
CA GLU B 73 -10.78 -0.07 3.20
C GLU B 73 -10.13 1.30 3.31
N ARG B 74 -9.58 1.63 4.48
CA ARG B 74 -8.91 2.91 4.65
C ARG B 74 -7.63 2.97 3.82
N LYS B 75 -6.84 1.90 3.82
CA LYS B 75 -5.60 1.90 3.06
C LYS B 75 -5.84 2.03 1.57
N ILE B 76 -6.95 1.49 1.07
CA ILE B 76 -7.30 1.68 -0.34
C ILE B 76 -7.65 3.14 -0.60
N ASN B 77 -8.47 3.74 0.27
CA ASN B 77 -8.87 5.12 0.07
C ASN B 77 -7.69 6.08 0.25
N LEU B 78 -6.72 5.73 1.07
CA LEU B 78 -5.53 6.54 1.25
C LEU B 78 -4.42 6.17 0.28
N LYS B 79 -4.69 5.30 -0.69
CA LYS B 79 -3.74 4.94 -1.74
C LYS B 79 -2.43 4.42 -1.15
N ALA B 80 -2.56 3.54 -0.16
CA ALA B 80 -1.41 2.93 0.48
C ALA B 80 -0.91 1.68 -0.24
N TYR B 81 -1.69 1.13 -1.16
CA TYR B 81 -1.33 -0.11 -1.82
C TYR B 81 -0.63 0.15 -3.14
N GLU B 82 0.48 -0.55 -3.37
CA GLU B 82 1.20 -0.49 -4.63
C GLU B 82 0.76 -1.56 -5.62
N ASP B 83 0.15 -2.64 -5.12
CA ASP B 83 -0.33 -3.72 -5.98
C ASP B 83 -1.49 -4.42 -5.28
N VAL B 84 -2.41 -4.97 -6.07
CA VAL B 84 -3.58 -5.64 -5.52
C VAL B 84 -3.20 -6.89 -4.74
N SER B 85 -2.02 -7.45 -4.99
CA SER B 85 -1.57 -8.60 -4.20
C SER B 85 -1.36 -8.21 -2.75
N GLN B 86 -1.02 -6.95 -2.49
CA GLN B 86 -0.86 -6.49 -1.11
C GLN B 86 -2.20 -6.50 -0.37
N VAL B 87 -3.28 -6.17 -1.08
CA VAL B 87 -4.61 -6.24 -0.47
C VAL B 87 -4.91 -7.68 -0.06
N VAL B 88 -4.62 -8.63 -0.96
CA VAL B 88 -4.79 -10.04 -0.62
C VAL B 88 -3.94 -10.41 0.59
N ASP B 89 -2.73 -9.86 0.67
CA ASP B 89 -1.84 -10.16 1.79
C ASP B 89 -2.42 -9.66 3.10
N ASP B 90 -2.96 -8.44 3.11
CA ASP B 90 -3.58 -7.91 4.32
C ASP B 90 -4.78 -8.74 4.73
N PHE B 91 -5.56 -9.22 3.76
CA PHE B 91 -6.70 -10.07 4.08
C PHE B 91 -6.22 -11.38 4.69
N ASN B 92 -5.19 -11.98 4.11
CA ASN B 92 -4.65 -13.22 4.66
C ASN B 92 -4.09 -13.01 6.05
N LEU B 93 -3.47 -11.85 6.30
CA LEU B 93 -2.99 -11.53 7.63
C LEU B 93 -4.14 -11.48 8.63
N MET B 94 -5.27 -10.88 8.23
CA MET B 94 -6.43 -10.82 9.11
C MET B 94 -6.92 -12.23 9.46
N VAL B 95 -7.00 -13.11 8.46
CA VAL B 95 -7.42 -14.48 8.72
C VAL B 95 -6.39 -15.18 9.60
N LYS B 96 -5.10 -15.03 9.28
CA LYS B 96 -4.06 -15.72 10.01
C LYS B 96 -4.03 -15.30 11.47
N ASN B 97 -4.20 -14.00 11.74
CA ASN B 97 -4.25 -13.52 13.11
C ASN B 97 -5.35 -14.22 13.90
N CYS B 98 -6.53 -14.35 13.31
CA CYS B 98 -7.65 -14.98 14.00
C CYS B 98 -7.34 -16.46 14.27
N LYS B 99 -6.82 -17.16 13.26
CA LYS B 99 -6.44 -18.56 13.45
C LYS B 99 -5.38 -18.69 14.53
N LYS B 100 -4.39 -17.80 14.53
CA LYS B 100 -3.27 -17.92 15.46
C LYS B 100 -3.73 -17.69 16.90
N PHE B 101 -4.57 -16.68 17.11
CA PHE B 101 -4.96 -16.32 18.47
C PHE B 101 -6.04 -17.25 19.01
N ASN B 102 -7.05 -17.54 18.20
CA ASN B 102 -8.18 -18.34 18.65
C ASN B 102 -8.03 -19.83 18.36
N GLY B 103 -7.19 -20.20 17.40
CA GLY B 103 -7.11 -21.61 17.03
C GLY B 103 -8.00 -21.95 15.86
N GLU B 104 -7.57 -22.96 15.09
CA GLU B 104 -8.31 -23.35 13.90
C GLU B 104 -9.57 -24.16 14.22
N ALA B 105 -9.78 -24.55 15.47
CA ALA B 105 -11.00 -25.25 15.86
C ALA B 105 -12.09 -24.29 16.33
N ALA B 106 -11.74 -23.06 16.65
CA ALA B 106 -12.73 -22.08 17.09
C ALA B 106 -13.64 -21.69 15.92
N GLY B 107 -14.93 -21.55 16.20
CA GLY B 107 -15.89 -21.15 15.19
C GLY B 107 -15.63 -19.80 14.57
N ILE B 108 -14.97 -18.89 15.29
CA ILE B 108 -14.66 -17.58 14.73
C ILE B 108 -13.62 -17.71 13.62
N SER B 109 -12.73 -18.70 13.71
CA SER B 109 -11.81 -18.95 12.61
C SER B 109 -12.55 -19.45 11.38
N LYS B 110 -13.61 -20.24 11.57
CA LYS B 110 -14.43 -20.67 10.45
C LYS B 110 -15.13 -19.49 9.77
N MET B 111 -15.55 -18.50 10.56
CA MET B 111 -16.10 -17.28 9.98
C MET B 111 -15.06 -16.55 9.15
N ALA B 112 -13.81 -16.53 9.64
CA ALA B 112 -12.74 -15.83 8.92
C ALA B 112 -12.44 -16.52 7.60
N THR B 113 -12.30 -17.85 7.62
CA THR B 113 -12.04 -18.57 6.37
C THR B 113 -13.23 -18.51 5.43
N ASN B 114 -14.44 -18.38 5.97
CA ASN B 114 -15.63 -18.27 5.12
C ASN B 114 -15.60 -16.97 4.33
N ILE B 115 -15.36 -15.84 5.00
CA ILE B 115 -15.29 -14.58 4.26
C ILE B 115 -14.06 -14.52 3.38
N GLN B 116 -13.01 -15.27 3.74
CA GLN B 116 -11.86 -15.36 2.86
C GLN B 116 -12.20 -16.09 1.56
N ALA B 117 -12.98 -17.18 1.67
CA ALA B 117 -13.43 -17.88 0.48
C ALA B 117 -14.27 -16.97 -0.42
N GLN B 118 -15.16 -16.18 0.19
CA GLN B 118 -15.93 -15.22 -0.59
C GLN B 118 -15.03 -14.17 -1.22
N PHE B 119 -14.07 -13.66 -0.45
CA PHE B 119 -13.15 -12.65 -0.96
C PHE B 119 -12.36 -13.18 -2.15
N GLU B 120 -11.84 -14.41 -2.04
CA GLU B 120 -11.08 -14.99 -3.14
C GLU B 120 -11.95 -15.25 -4.36
N LYS B 121 -13.19 -15.69 -4.13
CA LYS B 121 -14.13 -15.87 -5.25
C LYS B 121 -14.30 -14.58 -6.03
N LEU B 122 -14.41 -13.45 -5.34
CA LEU B 122 -14.59 -12.17 -6.02
C LEU B 122 -13.31 -11.69 -6.66
N MET B 123 -12.16 -11.96 -6.05
CA MET B 123 -10.88 -11.54 -6.61
C MET B 123 -10.51 -12.32 -7.87
N VAL B 124 -11.35 -13.24 -8.34
CA VAL B 124 -11.10 -13.89 -9.62
C VAL B 124 -11.29 -12.91 -10.76
N LYS B 125 -12.22 -11.97 -10.63
CA LYS B 125 -12.54 -11.02 -11.68
C LYS B 125 -11.73 -9.73 -11.60
N VAL B 126 -10.64 -9.72 -10.83
CA VAL B 126 -9.84 -8.50 -10.67
C VAL B 126 -9.27 -8.08 -12.02
N PRO B 127 -9.54 -6.84 -12.46
CA PRO B 127 -8.98 -6.39 -13.73
C PRO B 127 -7.48 -6.18 -13.62
N PRO B 128 -6.75 -6.35 -14.71
CA PRO B 128 -5.29 -6.18 -14.65
C PRO B 128 -4.90 -4.71 -14.49
N LYS B 129 -3.62 -4.51 -14.15
CA LYS B 129 -3.13 -3.15 -13.95
C LYS B 129 -3.07 -2.39 -15.27
N GLU B 130 -2.72 -3.08 -16.36
CA GLU B 130 -2.75 -2.50 -17.69
C GLU B 130 -4.02 -2.96 -18.40
N LEU B 131 -4.64 -2.04 -19.14
CA LEU B 131 -5.92 -2.30 -19.78
C LEU B 131 -5.75 -2.66 -21.26
N PRO B 132 -6.88 -2.97 -21.88
CA PRO B 132 -6.92 -3.30 -23.30
C PRO B 132 -7.78 -2.29 -24.05
N ALA B 133 -7.95 -1.11 -23.48
CA ALA B 133 -8.77 -0.07 -24.10
C ALA B 133 -7.90 0.94 -24.85
N ALA C 1 -23.91 14.17 -34.94
CA ALA C 1 -23.91 13.27 -33.79
C ALA C 1 -22.60 12.49 -33.70
N ALA C 2 -22.31 11.71 -34.73
CA ALA C 2 -21.12 10.88 -34.77
C ALA C 2 -19.97 11.61 -35.45
N GLY C 3 -18.78 11.50 -34.88
CA GLY C 3 -17.60 12.15 -35.43
C GLY C 3 -16.59 11.18 -35.99
N ALA C 4 -15.31 11.34 -35.59
CA ALA C 4 -14.23 10.51 -36.11
C ALA C 4 -13.86 9.43 -35.10
N PRO C 5 -13.46 8.25 -35.59
CA PRO C 5 -13.07 7.18 -34.66
C PRO C 5 -11.71 7.44 -34.03
N LYS C 6 -11.50 6.82 -32.87
CA LYS C 6 -10.24 6.97 -32.15
C LYS C 6 -9.10 6.37 -32.96
N PRO C 7 -8.04 7.13 -33.24
CA PRO C 7 -6.96 6.63 -34.09
C PRO C 7 -6.21 5.48 -33.41
N PRO C 8 -5.44 4.71 -34.17
CA PRO C 8 -4.70 3.59 -33.57
C PRO C 8 -3.71 4.05 -32.52
N GLN C 9 -3.51 3.20 -31.51
CA GLN C 9 -2.61 3.53 -30.41
C GLN C 9 -1.16 3.50 -30.87
N GLU C 10 -0.39 4.50 -30.45
CA GLU C 10 1.04 4.54 -30.74
C GLU C 10 1.82 3.74 -29.69
N PRO C 11 2.97 3.18 -30.09
CA PRO C 11 3.54 3.21 -31.44
C PRO C 11 3.16 2.01 -32.30
N ASP C 12 3.52 2.05 -33.58
CA ASP C 12 3.37 0.91 -34.47
C ASP C 12 4.44 -0.12 -34.12
N MET C 13 4.02 -1.27 -33.61
CA MET C 13 4.98 -2.31 -33.23
C MET C 13 5.63 -2.97 -34.45
N ASN C 14 5.20 -2.64 -35.66
CA ASN C 14 5.80 -3.15 -36.88
C ASN C 14 6.67 -2.11 -37.58
N ASN C 15 6.90 -0.96 -36.94
CA ASN C 15 7.74 0.08 -37.53
C ASN C 15 8.70 0.66 -36.50
N LEU C 16 9.07 -0.14 -35.50
CA LEU C 16 9.98 0.34 -34.47
C LEU C 16 11.35 0.63 -35.07
N PRO C 17 12.03 1.69 -34.63
CA PRO C 17 13.35 1.98 -35.17
C PRO C 17 14.38 0.99 -34.68
N GLU C 18 15.38 0.73 -35.53
CA GLU C 18 16.48 -0.14 -35.17
C GLU C 18 17.59 0.58 -34.42
N ASN C 19 17.60 1.92 -34.42
CA ASN C 19 18.56 2.72 -33.67
C ASN C 19 17.82 3.60 -32.67
N PRO C 20 17.24 3.01 -31.62
CA PRO C 20 16.56 3.82 -30.61
C PRO C 20 17.56 4.56 -29.74
N ILE C 21 17.05 5.55 -29.00
CA ILE C 21 17.91 6.40 -28.17
C ILE C 21 18.68 5.53 -27.20
N PRO C 22 19.93 5.87 -26.87
CA PRO C 22 20.71 5.07 -25.93
C PRO C 22 20.06 5.03 -24.56
N GLN C 23 20.54 4.09 -23.73
CA GLN C 23 19.89 3.85 -22.45
C GLN C 23 20.03 5.04 -21.51
N HIS C 24 21.20 5.67 -21.48
CA HIS C 24 21.39 6.82 -20.59
C HIS C 24 20.49 7.99 -20.99
N GLN C 25 20.29 8.18 -22.29
CA GLN C 25 19.33 9.18 -22.74
C GLN C 25 17.90 8.74 -22.45
N ALA C 26 17.60 7.46 -22.71
CA ALA C 26 16.25 6.95 -22.45
C ALA C 26 15.90 7.01 -20.98
N LYS C 27 16.87 6.79 -20.09
CA LYS C 27 16.60 6.90 -18.66
C LYS C 27 16.39 8.36 -18.25
N PHE C 28 16.98 9.31 -18.98
CA PHE C 28 16.82 10.71 -18.64
C PHE C 28 15.43 11.21 -19.01
N VAL C 29 14.99 10.95 -20.24
CA VAL C 29 13.67 11.41 -20.67
C VAL C 29 12.57 10.73 -19.89
N LEU C 30 12.79 9.47 -19.49
CA LEU C 30 11.79 8.77 -18.69
C LEU C 30 11.64 9.42 -17.31
N ASN C 31 12.75 9.61 -16.61
CA ASN C 31 12.70 10.32 -15.33
C ASN C 31 12.19 11.74 -15.49
N THR C 32 12.40 12.35 -16.66
CA THR C 32 11.85 13.67 -16.92
C THR C 32 10.33 13.61 -17.01
N ILE C 33 9.81 12.66 -17.80
CA ILE C 33 8.36 12.49 -17.90
C ILE C 33 7.77 12.21 -16.52
N LYS C 34 8.42 11.36 -15.72
CA LYS C 34 7.90 11.04 -14.40
C LYS C 34 7.84 12.28 -13.52
N ALA C 35 8.79 13.20 -13.70
CA ALA C 35 8.77 14.44 -12.93
C ALA C 35 7.55 15.29 -13.28
N VAL C 36 7.37 15.56 -14.58
CA VAL C 36 6.20 16.32 -15.04
C VAL C 36 4.91 15.63 -14.61
N LYS C 37 4.89 14.29 -14.64
CA LYS C 37 3.72 13.55 -14.20
C LYS C 37 3.38 13.82 -12.73
N ARG C 38 4.34 14.30 -11.93
CA ARG C 38 4.05 14.65 -10.55
C ARG C 38 3.34 16.00 -10.44
N ASN C 39 3.59 16.90 -11.39
CA ASN C 39 3.01 18.23 -11.35
C ASN C 39 1.48 18.15 -11.24
N ARG C 40 0.91 19.07 -10.47
CA ARG C 40 -0.53 19.09 -10.28
C ARG C 40 -1.25 19.47 -11.57
N GLU C 41 -0.68 20.38 -12.34
CA GLU C 41 -1.27 20.84 -13.59
C GLU C 41 -1.15 19.81 -14.73
N ALA C 42 -0.64 18.62 -14.44
CA ALA C 42 -0.50 17.57 -15.43
C ALA C 42 -1.59 16.52 -15.34
N VAL C 43 -2.55 16.68 -14.42
CA VAL C 43 -3.61 15.67 -14.26
C VAL C 43 -4.37 15.42 -15.57
N PRO C 44 -4.88 16.43 -16.28
CA PRO C 44 -5.64 16.16 -17.51
C PRO C 44 -4.79 15.64 -18.67
N PHE C 45 -3.48 15.48 -18.49
CA PHE C 45 -2.60 14.96 -19.54
C PHE C 45 -1.95 13.63 -19.15
N LEU C 46 -2.34 13.05 -18.01
CA LEU C 46 -1.75 11.80 -17.56
C LEU C 46 -2.15 10.64 -18.45
N HIS C 47 -3.35 10.66 -19.01
CA HIS C 47 -3.91 9.55 -19.77
C HIS C 47 -4.53 10.07 -21.05
N PRO C 48 -4.76 9.20 -22.03
CA PRO C 48 -5.36 9.65 -23.29
C PRO C 48 -6.73 10.30 -23.07
N VAL C 49 -7.08 11.20 -23.99
CA VAL C 49 -8.34 11.94 -23.89
C VAL C 49 -9.50 10.97 -24.06
N ASP C 50 -10.46 11.03 -23.14
CA ASP C 50 -11.66 10.20 -23.18
C ASP C 50 -12.77 11.05 -23.80
N THR C 51 -13.01 10.85 -25.10
CA THR C 51 -13.99 11.66 -25.81
C THR C 51 -15.41 11.38 -25.33
N VAL C 52 -15.67 10.17 -24.80
CA VAL C 52 -17.01 9.82 -24.35
C VAL C 52 -17.34 10.55 -23.05
N LYS C 53 -16.52 10.34 -22.02
CA LYS C 53 -16.78 10.99 -20.73
C LYS C 53 -16.72 12.50 -20.84
N LEU C 54 -15.92 13.03 -21.77
CA LEU C 54 -15.84 14.46 -21.99
C LEU C 54 -16.90 14.98 -22.96
N ASN C 55 -17.55 14.08 -23.70
CA ASN C 55 -18.64 14.43 -24.61
C ASN C 55 -18.16 15.36 -25.72
N VAL C 56 -17.17 14.92 -26.49
CA VAL C 56 -16.63 15.71 -27.60
C VAL C 56 -16.54 14.84 -28.84
N PRO C 57 -17.64 14.67 -29.58
CA PRO C 57 -17.64 13.69 -30.68
C PRO C 57 -16.71 14.05 -31.83
N PHE C 58 -16.40 15.33 -32.02
CA PHE C 58 -15.59 15.78 -33.14
C PHE C 58 -14.12 15.96 -32.77
N TYR C 59 -13.70 15.49 -31.59
CA TYR C 59 -12.34 15.73 -31.12
C TYR C 59 -11.30 15.22 -32.12
N TYR C 60 -11.47 13.98 -32.58
CA TYR C 60 -10.51 13.42 -33.51
C TYR C 60 -10.62 14.02 -34.90
N ASN C 61 -11.75 14.66 -35.22
CA ASN C 61 -11.85 15.42 -36.46
C ASN C 61 -10.93 16.64 -36.43
N TYR C 62 -10.81 17.29 -35.28
CA TYR C 62 -9.88 18.39 -35.09
C TYR C 62 -8.47 17.91 -34.71
N ILE C 63 -8.38 16.79 -34.02
CA ILE C 63 -7.08 16.27 -33.54
C ILE C 63 -6.85 14.89 -34.15
N PRO C 64 -6.32 14.81 -35.37
CA PRO C 64 -6.11 13.49 -35.98
C PRO C 64 -4.99 12.69 -35.33
N ARG C 65 -4.07 13.33 -34.60
CA ARG C 65 -2.95 12.64 -33.95
C ARG C 65 -2.91 13.05 -32.49
N PRO C 66 -3.64 12.35 -31.62
CA PRO C 66 -3.61 12.67 -30.19
C PRO C 66 -2.31 12.26 -29.54
N MET C 67 -2.10 12.76 -28.32
CA MET C 67 -0.89 12.48 -27.57
C MET C 67 -1.13 12.81 -26.11
N ASP C 68 -0.48 12.04 -25.23
CA ASP C 68 -0.60 12.22 -23.79
C ASP C 68 0.67 11.72 -23.12
N LEU C 69 0.77 11.95 -21.81
CA LEU C 69 2.00 11.62 -21.09
C LEU C 69 2.20 10.11 -21.00
N SER C 70 1.12 9.34 -20.84
CA SER C 70 1.28 7.89 -20.76
C SER C 70 1.73 7.30 -22.08
N THR C 71 1.31 7.88 -23.21
CA THR C 71 1.77 7.40 -24.51
C THR C 71 3.26 7.70 -24.71
N ILE C 72 3.70 8.90 -24.31
CA ILE C 72 5.12 9.22 -24.39
C ILE C 72 5.94 8.26 -23.52
N GLU C 73 5.46 8.00 -22.30
CA GLU C 73 6.16 7.07 -21.43
C GLU C 73 6.17 5.66 -22.00
N ARG C 74 5.10 5.27 -22.71
CA ARG C 74 5.07 3.95 -23.32
C ARG C 74 6.01 3.85 -24.51
N LYS C 75 6.05 4.90 -25.35
CA LYS C 75 6.93 4.87 -26.51
C LYS C 75 8.39 4.84 -26.10
N ILE C 76 8.74 5.45 -24.97
CA ILE C 76 10.10 5.39 -24.47
C ILE C 76 10.44 3.96 -24.04
N ASN C 77 9.53 3.32 -23.30
CA ASN C 77 9.79 1.96 -22.82
C ASN C 77 9.85 0.98 -23.98
N LEU C 78 8.95 1.12 -24.95
CA LEU C 78 8.96 0.26 -26.13
C LEU C 78 10.02 0.67 -27.15
N LYS C 79 10.83 1.69 -26.84
CA LYS C 79 11.94 2.11 -27.69
C LYS C 79 11.46 2.55 -29.08
N ALA C 80 10.47 3.45 -29.08
CA ALA C 80 9.93 3.97 -30.33
C ALA C 80 10.67 5.21 -30.82
N TYR C 81 11.44 5.87 -29.96
CA TYR C 81 12.16 7.07 -30.32
C TYR C 81 13.59 6.74 -30.69
N GLU C 82 14.10 7.41 -31.73
CA GLU C 82 15.50 7.30 -32.12
C GLU C 82 16.28 8.57 -31.85
N ASP C 83 15.65 9.61 -31.31
CA ASP C 83 16.31 10.84 -30.92
C ASP C 83 15.41 11.58 -29.94
N VAL C 84 16.02 12.15 -28.89
CA VAL C 84 15.25 12.83 -27.87
C VAL C 84 14.43 13.98 -28.43
N SER C 85 14.85 14.54 -29.57
CA SER C 85 14.06 15.60 -30.20
C SER C 85 12.65 15.13 -30.56
N GLN C 86 12.44 13.83 -30.72
CA GLN C 86 11.10 13.30 -30.96
C GLN C 86 10.28 13.24 -29.69
N VAL C 87 10.93 13.07 -28.53
CA VAL C 87 10.21 13.17 -27.27
C VAL C 87 9.71 14.58 -27.05
N VAL C 88 10.53 15.58 -27.38
CA VAL C 88 10.10 16.98 -27.30
C VAL C 88 8.97 17.24 -28.30
N ASP C 89 9.12 16.72 -29.52
CA ASP C 89 8.10 16.92 -30.54
C ASP C 89 6.76 16.35 -30.11
N ASP C 90 6.76 15.16 -29.51
CA ASP C 90 5.51 14.58 -29.03
C ASP C 90 4.92 15.40 -27.89
N PHE C 91 5.78 15.93 -27.01
CA PHE C 91 5.28 16.77 -25.93
C PHE C 91 4.63 18.03 -26.48
N ASN C 92 5.31 18.70 -27.42
CA ASN C 92 4.74 19.89 -28.03
C ASN C 92 3.46 19.57 -28.80
N LEU C 93 3.37 18.36 -29.38
CA LEU C 93 2.14 17.93 -30.01
C LEU C 93 1.02 17.82 -28.98
N MET C 94 1.31 17.25 -27.81
CA MET C 94 0.33 17.18 -26.73
C MET C 94 -0.12 18.58 -26.32
N VAL C 95 0.82 19.52 -26.24
CA VAL C 95 0.48 20.89 -25.87
C VAL C 95 -0.34 21.57 -26.95
N LYS C 96 0.10 21.43 -28.21
CA LYS C 96 -0.58 22.10 -29.31
C LYS C 96 -1.98 21.55 -29.52
N ASN C 97 -2.16 20.23 -29.36
CA ASN C 97 -3.49 19.65 -29.50
C ASN C 97 -4.47 20.26 -28.50
N CYS C 98 -4.03 20.46 -27.26
CA CYS C 98 -4.92 21.03 -26.24
C CYS C 98 -5.31 22.46 -26.60
N LYS C 99 -4.32 23.30 -26.95
CA LYS C 99 -4.61 24.69 -27.27
C LYS C 99 -5.43 24.82 -28.55
N LYS C 100 -5.25 23.89 -29.50
CA LYS C 100 -6.02 23.94 -30.73
C LYS C 100 -7.49 23.63 -30.47
N PHE C 101 -7.77 22.63 -29.65
CA PHE C 101 -9.15 22.22 -29.41
C PHE C 101 -9.85 23.13 -28.41
N ASN C 102 -9.18 23.45 -27.30
CA ASN C 102 -9.80 24.21 -26.22
C ASN C 102 -9.53 25.71 -26.31
N GLY C 103 -8.54 26.13 -27.09
CA GLY C 103 -8.19 27.54 -27.10
C GLY C 103 -7.21 27.88 -26.00
N GLU C 104 -6.44 28.93 -26.23
CA GLU C 104 -5.44 29.34 -25.24
C GLU C 104 -6.08 29.99 -24.02
N ALA C 105 -7.33 30.44 -24.12
CA ALA C 105 -7.99 31.05 -22.97
C ALA C 105 -8.38 29.99 -21.94
N ALA C 106 -8.60 28.75 -22.37
CA ALA C 106 -9.09 27.72 -21.48
C ALA C 106 -8.10 27.43 -20.36
N GLY C 107 -8.63 27.12 -19.18
CA GLY C 107 -7.77 26.83 -18.05
C GLY C 107 -6.89 25.62 -18.27
N ILE C 108 -7.40 24.63 -19.02
CA ILE C 108 -6.60 23.43 -19.30
C ILE C 108 -5.42 23.78 -20.21
N SER C 109 -5.57 24.77 -21.08
CA SER C 109 -4.46 25.18 -21.94
C SER C 109 -3.38 25.89 -21.14
N LYS C 110 -3.77 26.65 -20.10
CA LYS C 110 -2.77 27.26 -19.24
C LYS C 110 -2.02 26.21 -18.43
N MET C 111 -2.71 25.15 -17.99
CA MET C 111 -2.03 24.03 -17.36
C MET C 111 -1.05 23.37 -18.32
N ALA C 112 -1.42 23.29 -19.60
CA ALA C 112 -0.52 22.73 -20.59
C ALA C 112 0.72 23.60 -20.77
N THR C 113 0.54 24.92 -20.76
CA THR C 113 1.68 25.82 -20.89
C THR C 113 2.63 25.69 -19.71
N ASN C 114 2.08 25.44 -18.51
CA ASN C 114 2.93 25.33 -17.32
C ASN C 114 3.78 24.06 -17.37
N ILE C 115 3.17 22.91 -17.62
CA ILE C 115 3.93 21.67 -17.63
C ILE C 115 4.93 21.66 -18.77
N GLN C 116 4.63 22.39 -19.86
CA GLN C 116 5.59 22.51 -20.94
C GLN C 116 6.81 23.32 -20.51
N ALA C 117 6.59 24.40 -19.77
CA ALA C 117 7.70 25.19 -19.25
C ALA C 117 8.57 24.35 -18.32
N GLN C 118 7.95 23.56 -17.46
CA GLN C 118 8.71 22.66 -16.58
C GLN C 118 9.46 21.62 -17.41
N PHE C 119 8.79 21.03 -18.41
CA PHE C 119 9.42 20.03 -19.25
C PHE C 119 10.62 20.61 -19.99
N GLU C 120 10.48 21.81 -20.54
CA GLU C 120 11.59 22.46 -21.22
C GLU C 120 12.75 22.73 -20.27
N LYS C 121 12.45 23.10 -19.03
CA LYS C 121 13.50 23.38 -18.06
C LYS C 121 14.24 22.12 -17.65
N LEU C 122 13.55 20.98 -17.60
CA LEU C 122 14.18 19.72 -17.24
C LEU C 122 15.04 19.19 -18.38
N MET C 123 14.57 19.34 -19.62
CA MET C 123 15.31 18.92 -20.80
C MET C 123 16.57 19.76 -21.07
N VAL C 124 16.93 20.70 -20.21
CA VAL C 124 18.17 21.44 -20.39
C VAL C 124 19.37 20.58 -20.03
N LYS C 125 19.23 19.71 -19.04
CA LYS C 125 20.30 18.85 -18.58
C LYS C 125 20.34 17.52 -19.31
N VAL C 126 19.77 17.44 -20.50
CA VAL C 126 19.69 16.17 -21.22
C VAL C 126 21.10 15.72 -21.61
N PRO C 127 21.51 14.50 -21.28
CA PRO C 127 22.85 14.03 -21.67
C PRO C 127 22.93 13.84 -23.18
N PRO C 128 24.07 14.15 -23.77
CA PRO C 128 24.21 13.97 -25.23
C PRO C 128 24.13 12.50 -25.61
N LYS C 129 24.02 12.27 -26.92
CA LYS C 129 23.94 10.90 -27.43
C LYS C 129 25.12 10.05 -26.95
N GLU C 130 26.28 10.65 -26.77
CA GLU C 130 27.46 9.94 -26.31
C GLU C 130 27.69 10.19 -24.83
N ALA D 2 39.33 -20.06 12.20
CA ALA D 2 38.54 -21.27 12.06
C ALA D 2 38.19 -21.91 13.39
N GLY D 3 36.96 -22.43 13.49
CA GLY D 3 36.01 -22.37 12.38
C GLY D 3 35.68 -23.74 11.81
N ALA D 4 34.49 -24.24 12.15
CA ALA D 4 34.12 -25.58 11.74
C ALA D 4 34.02 -25.67 10.21
N PRO D 5 34.43 -26.78 9.61
CA PRO D 5 34.34 -26.91 8.16
C PRO D 5 32.91 -27.07 7.69
N LYS D 6 32.72 -26.88 6.39
CA LYS D 6 31.38 -26.98 5.80
C LYS D 6 30.89 -28.42 5.87
N PRO D 7 29.72 -28.68 6.45
CA PRO D 7 29.20 -30.06 6.50
C PRO D 7 28.95 -30.59 5.10
N PRO D 8 28.90 -31.91 4.93
CA PRO D 8 28.69 -32.48 3.59
C PRO D 8 27.39 -32.00 2.95
N GLN D 9 27.41 -31.90 1.62
CA GLN D 9 26.27 -31.44 0.87
C GLN D 9 25.13 -32.46 0.92
N GLU D 10 23.92 -31.97 1.15
CA GLU D 10 22.73 -32.80 1.14
C GLU D 10 22.21 -32.98 -0.29
N PRO D 11 21.59 -34.13 -0.58
CA PRO D 11 21.39 -35.26 0.35
C PRO D 11 22.52 -36.28 0.30
N ASP D 12 22.57 -37.15 1.30
CA ASP D 12 23.49 -38.28 1.31
C ASP D 12 22.94 -39.32 0.34
N MET D 13 23.53 -39.39 -0.86
CA MET D 13 22.99 -40.23 -1.92
C MET D 13 23.30 -41.70 -1.70
N ASN D 14 23.63 -42.06 -0.45
CA ASN D 14 23.76 -43.45 -0.04
C ASN D 14 22.77 -43.78 1.07
N ASN D 15 21.78 -42.92 1.29
CA ASN D 15 20.74 -43.18 2.28
C ASN D 15 19.42 -42.56 1.80
N LEU D 16 19.16 -42.65 0.50
CA LEU D 16 17.91 -42.13 -0.04
C LEU D 16 16.75 -42.99 0.43
N PRO D 17 15.58 -42.40 0.64
CA PRO D 17 14.43 -43.17 1.13
C PRO D 17 13.98 -44.21 0.11
N GLU D 18 13.43 -45.31 0.64
CA GLU D 18 12.96 -46.38 -0.23
C GLU D 18 11.73 -45.95 -1.03
N ASN D 19 10.87 -45.14 -0.43
CA ASN D 19 9.63 -44.68 -1.07
C ASN D 19 9.52 -43.18 -0.93
N PRO D 20 10.06 -42.42 -1.88
CA PRO D 20 9.98 -40.96 -1.81
C PRO D 20 8.58 -40.43 -2.08
N ILE D 21 8.40 -39.12 -2.04
CA ILE D 21 7.09 -38.50 -2.26
C ILE D 21 6.61 -38.84 -3.66
N PRO D 22 5.31 -38.97 -3.89
CA PRO D 22 4.80 -39.26 -5.23
C PRO D 22 5.16 -38.13 -6.20
N GLN D 23 5.13 -38.47 -7.50
CA GLN D 23 5.63 -37.55 -8.52
C GLN D 23 4.79 -36.28 -8.59
N HIS D 24 3.47 -36.40 -8.45
CA HIS D 24 2.63 -35.21 -8.54
C HIS D 24 2.87 -34.26 -7.37
N GLN D 25 3.19 -34.80 -6.19
CA GLN D 25 3.57 -33.95 -5.07
C GLN D 25 4.93 -33.30 -5.32
N ALA D 26 5.92 -34.10 -5.73
CA ALA D 26 7.25 -33.56 -5.99
C ALA D 26 7.20 -32.48 -7.06
N LYS D 27 6.31 -32.62 -8.04
CA LYS D 27 6.15 -31.60 -9.06
C LYS D 27 5.59 -30.31 -8.47
N PHE D 28 4.72 -30.43 -7.46
CA PHE D 28 4.13 -29.24 -6.85
C PHE D 28 5.16 -28.47 -6.04
N VAL D 29 5.86 -29.16 -5.13
CA VAL D 29 6.82 -28.47 -4.26
C VAL D 29 7.98 -27.90 -5.06
N LEU D 30 8.34 -28.55 -6.17
CA LEU D 30 9.41 -28.04 -7.01
C LEU D 30 9.05 -26.69 -7.61
N ASN D 31 7.91 -26.62 -8.29
CA ASN D 31 7.45 -25.35 -8.83
C ASN D 31 7.25 -24.32 -7.72
N THR D 32 6.93 -24.77 -6.51
CA THR D 32 6.83 -23.86 -5.39
C THR D 32 8.18 -23.23 -5.06
N ILE D 33 9.24 -24.05 -5.03
CA ILE D 33 10.57 -23.54 -4.75
C ILE D 33 11.02 -22.59 -5.86
N LYS D 34 10.74 -22.94 -7.12
CA LYS D 34 11.18 -22.12 -8.23
C LYS D 34 10.51 -20.75 -8.20
N ALA D 35 9.24 -20.69 -7.77
CA ALA D 35 8.55 -19.41 -7.64
C ALA D 35 9.19 -18.55 -6.55
N VAL D 36 9.41 -19.14 -5.37
CA VAL D 36 10.09 -18.42 -4.29
C VAL D 36 11.44 -17.91 -4.75
N LYS D 37 12.17 -18.73 -5.52
CA LYS D 37 13.47 -18.32 -6.02
C LYS D 37 13.39 -17.13 -6.97
N ARG D 38 12.20 -16.85 -7.52
CA ARG D 38 12.03 -15.66 -8.35
C ARG D 38 11.87 -14.39 -7.52
N ASN D 39 11.44 -14.51 -6.26
CA ASN D 39 11.33 -13.35 -5.41
C ASN D 39 12.70 -12.74 -5.17
N ARG D 40 12.80 -11.42 -5.42
CA ARG D 40 14.02 -10.67 -5.15
C ARG D 40 14.37 -10.59 -3.67
N GLU D 41 13.53 -11.14 -2.79
CA GLU D 41 13.83 -11.22 -1.36
C GLU D 41 14.41 -12.57 -0.96
N ALA D 42 14.53 -13.50 -1.90
CA ALA D 42 15.18 -14.78 -1.66
C ALA D 42 16.63 -14.81 -2.11
N VAL D 43 17.16 -13.67 -2.58
CA VAL D 43 18.52 -13.65 -3.13
C VAL D 43 19.56 -14.17 -2.15
N PRO D 44 19.60 -13.74 -0.88
CA PRO D 44 20.60 -14.27 0.05
C PRO D 44 20.33 -15.71 0.50
N PHE D 45 19.27 -16.36 -0.01
CA PHE D 45 18.97 -17.74 0.34
C PHE D 45 19.02 -18.66 -0.87
N LEU D 46 19.52 -18.18 -2.01
CA LEU D 46 19.55 -19.00 -3.21
C LEU D 46 20.61 -20.10 -3.10
N HIS D 47 21.72 -19.81 -2.44
CA HIS D 47 22.87 -20.69 -2.45
C HIS D 47 23.43 -20.83 -1.03
N PRO D 48 24.19 -21.90 -0.78
CA PRO D 48 24.80 -22.07 0.56
C PRO D 48 25.71 -20.91 0.91
N VAL D 49 25.80 -20.63 2.20
CA VAL D 49 26.58 -19.50 2.68
C VAL D 49 28.05 -19.73 2.38
N ASP D 50 28.70 -18.73 1.79
CA ASP D 50 30.14 -18.77 1.52
C ASP D 50 30.83 -18.11 2.69
N THR D 51 31.28 -18.92 3.66
CA THR D 51 31.87 -18.39 4.88
C THR D 51 33.16 -17.62 4.60
N VAL D 52 33.90 -18.00 3.57
CA VAL D 52 35.13 -17.28 3.23
C VAL D 52 34.79 -15.92 2.63
N LYS D 53 33.85 -15.87 1.70
CA LYS D 53 33.49 -14.60 1.06
C LYS D 53 32.71 -13.70 2.00
N LEU D 54 31.89 -14.27 2.88
CA LEU D 54 31.18 -13.47 3.86
C LEU D 54 31.99 -13.21 5.12
N ASN D 55 33.09 -13.94 5.31
CA ASN D 55 34.04 -13.72 6.41
C ASN D 55 33.41 -14.02 7.77
N VAL D 56 32.77 -15.19 7.87
CA VAL D 56 32.18 -15.65 9.12
C VAL D 56 32.80 -16.98 9.51
N PRO D 57 33.94 -16.98 10.19
CA PRO D 57 34.67 -18.23 10.43
C PRO D 57 33.89 -19.28 11.22
N PHE D 58 33.01 -18.87 12.13
CA PHE D 58 32.32 -19.79 13.02
C PHE D 58 30.86 -20.01 12.63
N TYR D 59 30.50 -19.72 11.38
CA TYR D 59 29.10 -19.87 10.98
C TYR D 59 28.62 -21.30 11.18
N TYR D 60 29.43 -22.28 10.76
CA TYR D 60 29.02 -23.67 10.90
C TYR D 60 29.13 -24.16 12.34
N ASN D 61 29.88 -23.46 13.18
CA ASN D 61 29.86 -23.77 14.61
C ASN D 61 28.50 -23.43 15.22
N TYR D 62 27.94 -22.27 14.86
CA TYR D 62 26.61 -21.91 15.32
C TYR D 62 25.51 -22.54 14.47
N ILE D 63 25.77 -22.78 13.19
CA ILE D 63 24.78 -23.36 12.30
C ILE D 63 25.28 -24.73 11.84
N PRO D 64 25.08 -25.79 12.63
CA PRO D 64 25.62 -27.10 12.24
C PRO D 64 24.86 -27.75 11.10
N ARG D 65 23.59 -27.42 10.89
CA ARG D 65 22.82 -27.95 9.78
C ARG D 65 22.35 -26.80 8.88
N PRO D 66 23.15 -26.41 7.90
CA PRO D 66 22.75 -25.32 7.00
C PRO D 66 21.71 -25.78 6.01
N MET D 67 21.05 -24.80 5.39
CA MET D 67 20.01 -25.08 4.41
C MET D 67 19.80 -23.85 3.54
N ASP D 68 19.53 -24.08 2.26
CA ASP D 68 19.29 -23.02 1.30
C ASP D 68 18.31 -23.53 0.24
N LEU D 69 17.83 -22.60 -0.59
CA LEU D 69 16.81 -22.94 -1.58
C LEU D 69 17.33 -23.91 -2.62
N SER D 70 18.60 -23.76 -3.04
CA SER D 70 19.14 -24.66 -4.05
C SER D 70 19.31 -26.07 -3.50
N THR D 71 19.54 -26.22 -2.20
CA THR D 71 19.65 -27.56 -1.62
C THR D 71 18.30 -28.26 -1.61
N ILE D 72 17.25 -27.57 -1.15
CA ILE D 72 15.91 -28.15 -1.13
C ILE D 72 15.50 -28.59 -2.53
N GLU D 73 15.72 -27.71 -3.52
CA GLU D 73 15.38 -28.05 -4.90
C GLU D 73 16.12 -29.32 -5.34
N ARG D 74 17.41 -29.42 -5.03
CA ARG D 74 18.16 -30.62 -5.39
C ARG D 74 17.62 -31.84 -4.67
N LYS D 75 17.30 -31.69 -3.38
CA LYS D 75 16.76 -32.83 -2.62
C LYS D 75 15.49 -33.39 -3.24
N ILE D 76 14.67 -32.52 -3.84
CA ILE D 76 13.47 -32.99 -4.53
C ILE D 76 13.85 -33.75 -5.80
N ASN D 77 14.71 -33.16 -6.63
CA ASN D 77 15.09 -33.78 -7.90
C ASN D 77 15.72 -35.15 -7.66
N LEU D 78 16.64 -35.25 -6.71
CA LEU D 78 17.29 -36.51 -6.38
C LEU D 78 16.42 -37.40 -5.50
N LYS D 79 15.16 -37.01 -5.27
CA LYS D 79 14.18 -37.85 -4.57
C LYS D 79 14.66 -38.26 -3.19
N ALA D 80 14.97 -37.25 -2.36
CA ALA D 80 15.42 -37.46 -1.00
C ALA D 80 14.32 -37.27 0.04
N TYR D 81 13.17 -36.74 -0.36
CA TYR D 81 12.09 -36.42 0.56
C TYR D 81 11.06 -37.55 0.61
N GLU D 82 10.62 -37.88 1.82
CA GLU D 82 9.60 -38.89 2.05
C GLU D 82 8.22 -38.29 2.22
N ASP D 83 8.14 -37.08 2.78
CA ASP D 83 6.90 -36.36 2.96
C ASP D 83 7.14 -34.89 2.66
N VAL D 84 6.10 -34.22 2.15
CA VAL D 84 6.20 -32.79 1.90
C VAL D 84 6.43 -32.02 3.19
N SER D 85 6.02 -32.59 4.33
CA SER D 85 6.33 -31.97 5.62
C SER D 85 7.83 -31.88 5.88
N GLN D 86 8.62 -32.73 5.21
CA GLN D 86 10.08 -32.61 5.30
C GLN D 86 10.61 -31.47 4.46
N VAL D 87 9.91 -31.12 3.37
CA VAL D 87 10.26 -29.90 2.63
C VAL D 87 9.96 -28.68 3.49
N VAL D 88 8.79 -28.67 4.15
CA VAL D 88 8.41 -27.57 5.02
C VAL D 88 9.43 -27.40 6.15
N ASP D 89 9.88 -28.51 6.74
CA ASP D 89 10.84 -28.44 7.83
C ASP D 89 12.16 -27.87 7.36
N ASP D 90 12.62 -28.26 6.17
CA ASP D 90 13.86 -27.71 5.64
C ASP D 90 13.73 -26.22 5.37
N PHE D 91 12.57 -25.78 4.88
CA PHE D 91 12.35 -24.35 4.67
C PHE D 91 12.34 -23.61 6.01
N ASN D 92 11.75 -24.22 7.04
CA ASN D 92 11.76 -23.60 8.37
C ASN D 92 13.17 -23.56 8.94
N LEU D 93 13.96 -24.61 8.69
CA LEU D 93 15.34 -24.63 9.18
C LEU D 93 16.17 -23.52 8.54
N MET D 94 15.97 -23.30 7.24
CA MET D 94 16.67 -22.22 6.55
C MET D 94 16.31 -20.86 7.17
N VAL D 95 15.04 -20.64 7.46
CA VAL D 95 14.62 -19.39 8.09
C VAL D 95 15.18 -19.29 9.51
N LYS D 96 15.05 -20.38 10.27
CA LYS D 96 15.52 -20.37 11.65
C LYS D 96 17.03 -20.15 11.73
N ASN D 97 17.77 -20.74 10.79
CA ASN D 97 19.21 -20.52 10.74
C ASN D 97 19.54 -19.05 10.57
N CYS D 98 18.88 -18.38 9.62
CA CYS D 98 19.19 -16.98 9.34
C CYS D 98 18.87 -16.09 10.53
N LYS D 99 17.74 -16.33 11.20
CA LYS D 99 17.39 -15.52 12.35
C LYS D 99 18.31 -15.81 13.53
N LYS D 100 18.72 -17.07 13.71
CA LYS D 100 19.59 -17.41 14.83
C LYS D 100 20.95 -16.75 14.68
N PHE D 101 21.45 -16.64 13.44
CA PHE D 101 22.79 -16.12 13.21
C PHE D 101 22.80 -14.61 13.06
N ASN D 102 21.83 -14.04 12.35
CA ASN D 102 21.82 -12.60 12.08
C ASN D 102 20.96 -11.80 13.06
N GLY D 103 20.08 -12.45 13.80
CA GLY D 103 19.17 -11.76 14.69
C GLY D 103 17.86 -11.39 14.01
N GLU D 104 16.84 -11.20 14.84
CA GLU D 104 15.51 -10.91 14.32
C GLU D 104 15.44 -9.52 13.70
N ALA D 105 16.18 -8.55 14.25
CA ALA D 105 16.13 -7.19 13.77
C ALA D 105 16.91 -6.96 12.48
N ALA D 106 17.75 -7.90 12.07
CA ALA D 106 18.51 -7.75 10.84
C ALA D 106 17.58 -7.67 9.63
N GLY D 107 18.03 -6.94 8.61
CA GLY D 107 17.23 -6.83 7.40
C GLY D 107 17.12 -8.14 6.64
N ILE D 108 18.18 -8.96 6.67
CA ILE D 108 18.14 -10.24 5.99
C ILE D 108 17.13 -11.18 6.64
N SER D 109 16.95 -11.07 7.95
CA SER D 109 15.95 -11.90 8.63
C SER D 109 14.54 -11.50 8.23
N LYS D 110 14.31 -10.23 7.93
CA LYS D 110 13.00 -9.81 7.43
C LYS D 110 12.71 -10.45 6.08
N MET D 111 13.72 -10.49 5.20
CA MET D 111 13.56 -11.17 3.91
C MET D 111 13.27 -12.65 4.11
N ALA D 112 13.93 -13.28 5.09
CA ALA D 112 13.62 -14.67 5.42
C ALA D 112 12.16 -14.81 5.83
N THR D 113 11.65 -13.85 6.60
CA THR D 113 10.25 -13.89 7.00
C THR D 113 9.33 -13.70 5.81
N ASN D 114 9.70 -12.80 4.89
CA ASN D 114 8.84 -12.51 3.75
C ASN D 114 8.70 -13.71 2.83
N ILE D 115 9.83 -14.32 2.43
CA ILE D 115 9.76 -15.46 1.53
C ILE D 115 9.11 -16.64 2.22
N GLN D 116 9.23 -16.74 3.55
CA GLN D 116 8.54 -17.80 4.28
C GLN D 116 7.03 -17.61 4.22
N ALA D 117 6.57 -16.36 4.22
CA ALA D 117 5.14 -16.10 4.07
C ALA D 117 4.66 -16.55 2.70
N GLN D 118 5.36 -16.12 1.64
CA GLN D 118 5.00 -16.52 0.29
C GLN D 118 5.00 -18.04 0.15
N PHE D 119 6.01 -18.69 0.72
CA PHE D 119 6.09 -20.15 0.67
C PHE D 119 4.87 -20.78 1.33
N GLU D 120 4.54 -20.35 2.56
CA GLU D 120 3.37 -20.86 3.25
C GLU D 120 2.11 -20.63 2.43
N LYS D 121 2.04 -19.49 1.72
CA LYS D 121 0.89 -19.17 0.89
C LYS D 121 0.67 -20.26 -0.16
N LEU D 122 1.72 -20.62 -0.88
CA LEU D 122 1.59 -21.57 -1.97
C LEU D 122 1.31 -22.97 -1.44
N MET D 123 1.91 -23.33 -0.31
CA MET D 123 1.83 -24.68 0.23
C MET D 123 0.42 -25.00 0.74
N VAL D 124 -0.53 -24.10 0.48
CA VAL D 124 -1.92 -24.38 0.81
C VAL D 124 -2.55 -25.27 -0.25
N LYS D 125 -2.12 -25.13 -1.51
CA LYS D 125 -2.67 -25.91 -2.61
C LYS D 125 -1.93 -27.22 -2.83
N VAL D 126 -1.18 -27.69 -1.84
CA VAL D 126 -0.39 -28.91 -2.04
C VAL D 126 -1.32 -30.10 -2.21
N PRO D 127 -1.15 -30.92 -3.26
CA PRO D 127 -2.06 -32.03 -3.47
C PRO D 127 -1.83 -33.13 -2.44
N PRO D 128 -2.84 -33.95 -2.16
CA PRO D 128 -2.65 -35.04 -1.18
C PRO D 128 -1.70 -36.10 -1.71
N LYS D 129 -1.31 -36.99 -0.80
CA LYS D 129 -0.34 -38.02 -1.15
C LYS D 129 -0.91 -38.99 -2.19
N GLU D 130 -2.13 -39.47 -1.97
CA GLU D 130 -2.79 -40.34 -2.91
C GLU D 130 -3.57 -39.52 -3.93
N LEU D 131 -4.04 -40.20 -4.97
CA LEU D 131 -4.85 -39.57 -6.00
C LEU D 131 -6.19 -40.28 -6.15
I IOD E . -15.86 6.88 35.24
I IOD F . -2.82 12.06 31.23
I IOD G . -13.03 1.44 15.82
I IOD H . -9.47 12.99 29.28
I IOD I . 0.49 13.76 30.09
I IOD J . 0.08 25.54 4.69
I IOD K . -4.54 8.96 8.90
I IOD L . -11.25 29.01 15.91
I IOD M . -18.17 11.24 10.33
N1 EPE N . -15.14 24.77 24.85
C2 EPE N . -16.09 23.69 25.11
C3 EPE N . -16.16 23.44 26.61
N4 EPE N . -16.50 24.64 27.32
C5 EPE N . -15.74 25.83 26.99
C6 EPE N . -15.58 26.02 25.48
C7 EPE N . -17.10 24.54 28.63
C8 EPE N . -18.32 23.62 28.61
O8 EPE N . -17.93 22.32 28.98
C9 EPE N . -14.94 24.95 23.41
C10 EPE N . -16.17 24.50 22.64
S EPE N . -17.12 25.88 21.97
O1S EPE N . -16.20 26.87 21.43
O2S EPE N . -17.90 26.48 23.04
O3S EPE N . -18.01 25.40 20.91
I IOD O . -4.97 -12.94 26.19
I IOD P . -10.66 -12.10 17.51
I IOD Q . 1.17 0.66 5.99
I IOD R . -7.03 -14.25 -4.20
I IOD S . -11.54 4.76 9.49
I IOD T . -15.75 -2.58 -10.18
C1 GOL U . -2.72 -10.17 -7.43
O1 GOL U . -1.99 -10.62 -8.55
C2 GOL U . -3.49 -11.33 -6.82
O2 GOL U . -2.90 -11.68 -5.59
C3 GOL U . -4.94 -10.93 -6.59
O3 GOL U . -5.80 -11.93 -7.11
I IOD V . 23.78 1.42 -24.20
I IOD W . 12.82 21.43 -24.87
I IOD X . -16.75 18.64 -30.20
I IOD Y . 18.65 10.38 -15.03
I IOD Z . 31.27 -15.64 12.96
I IOD AA . 3.36 -24.68 5.26
I IOD BA . 1.78 -28.23 -9.87
I IOD CA . 36.04 -26.33 14.86
#